data_6HF2
#
_entry.id   6HF2
#
_cell.length_a   66.812
_cell.length_b   68.376
_cell.length_c   79.136
_cell.angle_alpha   90.00
_cell.angle_beta   90.00
_cell.angle_gamma   90.00
#
_symmetry.space_group_name_H-M   'P 21 21 21'
#
loop_
_entity.id
_entity.type
_entity.pdbx_description
1 polymer 'Glycosyl hydrolase family 26'
2 non-polymer 'CHLORIDE ION'
3 non-polymer 'CALCIUM ION'
4 water water
#
_entity_poly.entity_id   1
_entity_poly.type   'polypeptide(L)'
_entity_poly.pdbx_seq_one_letter_code
;MKNIYNFLIYFIFCGIGAGCSSSSGEDFPAPESEPVDNSLIKKELCTEGASVEAKKVYTYLRNCWGRKTLSSTMANVTWN
VNEAIWVNRQTGKYPAIACFDYMNLPASPADWIDYNKISVVEDWWNAGGLVAACWHWNVPVTENSSEYKCMISETDFDIT
KALQEGTRENEIIKADLEELAGYLLLLKQKNIPVIWRPLHEAAGKWFWWGKDAASYKRLWKLVYETFKQKGLNNLIWVWT
SETNDRDWYPGDAYVDIIGRDVYHKTSAAGLATDFDALKKAFPDKLIALSECGDVATIDKQLAAGAQWAWFMTWYDYEVT
KDTTAPVFNSGQHEHADKAWWNNAFGQPGVICRSDLPSFKLEHHHHHH
;
_entity_poly.pdbx_strand_id   A
#
# COMPACT_ATOMS: atom_id res chain seq x y z
N ASP A 37 19.54 -8.07 15.97
CA ASP A 37 18.12 -7.76 15.95
C ASP A 37 17.66 -7.46 14.52
N ASN A 38 18.04 -6.30 13.98
CA ASN A 38 17.67 -5.93 12.62
C ASN A 38 18.85 -5.93 11.67
N SER A 39 19.98 -6.53 12.06
CA SER A 39 21.19 -6.43 11.24
C SER A 39 21.03 -7.09 9.88
N LEU A 40 20.10 -8.05 9.74
CA LEU A 40 19.88 -8.70 8.46
C LEU A 40 19.15 -7.82 7.46
N ILE A 41 18.38 -6.84 7.92
CA ILE A 41 17.59 -6.02 7.01
C ILE A 41 18.50 -5.11 6.21
N LYS A 42 18.28 -5.03 4.90
CA LYS A 42 19.14 -4.21 4.06
C LYS A 42 19.04 -2.74 4.45
N LYS A 43 20.18 -2.05 4.40
CA LYS A 43 20.20 -0.67 4.86
C LYS A 43 19.75 0.31 3.79
N GLU A 44 19.91 -0.06 2.53
CA GLU A 44 19.72 0.87 1.43
C GLU A 44 18.48 0.51 0.61
N LEU A 45 17.75 1.54 0.17
CA LEU A 45 16.69 1.34 -0.83
C LEU A 45 17.26 0.83 -2.15
N CYS A 46 16.42 0.13 -2.91
CA CYS A 46 16.86 -0.37 -4.22
C CYS A 46 17.09 0.77 -5.22
N THR A 47 16.56 1.96 -4.95
CA THR A 47 16.66 3.09 -5.87
C THR A 47 17.92 3.89 -5.59
N GLU A 48 18.85 3.89 -6.54
CA GLU A 48 20.05 4.71 -6.40
C GLU A 48 19.66 6.18 -6.35
N GLY A 49 20.26 6.92 -5.41
CA GLY A 49 19.97 8.33 -5.30
C GLY A 49 18.56 8.65 -4.85
N ALA A 50 17.99 7.79 -4.00
CA ALA A 50 16.68 8.04 -3.42
C ALA A 50 16.67 9.36 -2.64
N SER A 51 15.49 9.98 -2.58
CA SER A 51 15.34 11.27 -1.91
C SER A 51 15.69 11.15 -0.43
N VAL A 52 16.06 12.30 0.16
CA VAL A 52 16.39 12.36 1.58
C VAL A 52 15.23 11.85 2.42
N GLU A 53 14.00 12.25 2.08
CA GLU A 53 12.85 11.86 2.89
C GLU A 53 12.59 10.36 2.77
N ALA A 54 12.72 9.80 1.57
CA ALA A 54 12.51 8.37 1.40
C ALA A 54 13.52 7.59 2.22
N LYS A 55 14.78 8.04 2.24
CA LYS A 55 15.80 7.35 3.01
C LYS A 55 15.54 7.48 4.50
N LYS A 56 15.09 8.66 4.94
CA LYS A 56 14.74 8.85 6.35
C LYS A 56 13.59 7.95 6.75
N VAL A 57 12.55 7.88 5.91
CA VAL A 57 11.41 7.02 6.22
C VAL A 57 11.85 5.56 6.28
N TYR A 58 12.57 5.11 5.25
CA TYR A 58 13.03 3.72 5.24
C TYR A 58 13.90 3.42 6.45
N THR A 59 14.83 4.32 6.77
CA THR A 59 15.74 4.09 7.88
C THR A 59 14.98 3.99 9.20
N TYR A 60 13.95 4.82 9.35
CA TYR A 60 13.10 4.73 10.54
C TYR A 60 12.42 3.37 10.62
N LEU A 61 11.79 2.93 9.53
CA LEU A 61 11.13 1.63 9.57
C LEU A 61 12.11 0.52 9.89
N ARG A 62 13.30 0.57 9.30
CA ARG A 62 14.33 -0.41 9.61
C ARG A 62 14.68 -0.40 11.09
N ASN A 63 14.76 0.79 11.69
CA ASN A 63 15.05 0.92 13.11
C ASN A 63 13.92 0.38 13.98
N CYS A 64 12.68 0.38 13.48
CA CYS A 64 11.54 -0.14 14.25
C CYS A 64 11.43 -1.65 14.21
N TRP A 65 12.12 -2.29 13.26
CA TRP A 65 11.92 -3.71 12.98
C TRP A 65 12.15 -4.56 14.23
N GLY A 66 11.18 -5.42 14.54
CA GLY A 66 11.23 -6.24 15.73
C GLY A 66 10.95 -5.52 17.03
N ARG A 67 10.73 -4.22 17.00
CA ARG A 67 10.46 -3.46 18.20
C ARG A 67 9.12 -2.76 18.18
N LYS A 68 8.69 -2.25 17.02
CA LYS A 68 7.45 -1.51 16.92
C LYS A 68 6.72 -1.94 15.64
N THR A 69 5.41 -1.73 15.65
CA THR A 69 4.54 -1.98 14.50
C THR A 69 3.76 -0.70 14.23
N LEU A 70 3.86 -0.18 13.02
CA LEU A 70 3.13 1.06 12.72
C LEU A 70 1.68 0.76 12.39
N SER A 71 0.80 1.70 12.74
CA SER A 71 -0.61 1.61 12.39
C SER A 71 -0.85 2.33 11.08
N SER A 72 -1.88 1.89 10.35
CA SER A 72 -2.17 2.50 9.06
C SER A 72 -3.64 2.29 8.72
N THR A 73 -4.20 3.21 7.93
CA THR A 73 -5.55 3.07 7.40
C THR A 73 -5.57 3.35 5.91
N MET A 74 -6.48 2.68 5.23
CA MET A 74 -6.72 2.91 3.82
C MET A 74 -7.66 4.11 3.63
N ALA A 75 -7.49 4.81 2.52
CA ALA A 75 -8.46 5.81 2.12
C ALA A 75 -9.82 5.16 1.90
N ASN A 76 -10.88 5.96 2.04
CA ASN A 76 -12.18 5.49 1.58
C ASN A 76 -12.16 5.53 0.04
N VAL A 77 -11.95 4.35 -0.55
CA VAL A 77 -11.78 4.13 -1.99
C VAL A 77 -10.42 4.67 -2.46
N THR A 78 -10.24 5.99 -2.59
CA THR A 78 -9.03 6.46 -3.28
C THR A 78 -8.26 7.61 -2.61
N TRP A 79 -8.90 8.76 -2.40
CA TRP A 79 -8.17 10.03 -2.34
C TRP A 79 -8.66 10.90 -1.19
N ASN A 80 -8.55 10.36 0.02
CA ASN A 80 -8.98 11.05 1.24
C ASN A 80 -8.33 10.33 2.41
N VAL A 81 -8.49 10.92 3.59
CA VAL A 81 -8.01 10.24 4.80
C VAL A 81 -9.20 9.97 5.73
N ASN A 82 -10.33 9.58 5.15
CA ASN A 82 -11.56 9.47 5.96
C ASN A 82 -11.46 8.39 7.03
N GLU A 83 -10.74 7.29 6.76
CA GLU A 83 -10.61 6.25 7.79
C GLU A 83 -9.66 6.67 8.89
N ALA A 84 -8.61 7.43 8.58
CA ALA A 84 -7.77 7.99 9.63
C ALA A 84 -8.57 8.89 10.55
N ILE A 85 -9.43 9.75 9.98
CA ILE A 85 -10.28 10.61 10.77
C ILE A 85 -11.23 9.79 11.61
N TRP A 86 -11.79 8.73 11.02
CA TRP A 86 -12.67 7.82 11.75
C TRP A 86 -11.96 7.19 12.94
N VAL A 87 -10.73 6.70 12.72
CA VAL A 87 -10.00 6.07 13.83
C VAL A 87 -9.76 7.06 14.95
N ASN A 88 -9.38 8.30 14.62
CA ASN A 88 -9.18 9.28 15.70
C ASN A 88 -10.46 9.51 16.49
N ARG A 89 -11.59 9.65 15.81
CA ARG A 89 -12.86 9.86 16.49
C ARG A 89 -13.25 8.67 17.36
N GLN A 90 -12.77 7.47 17.03
CA GLN A 90 -13.03 6.30 17.86
C GLN A 90 -12.04 6.17 19.02
N THR A 91 -10.81 6.67 18.87
CA THR A 91 -9.76 6.32 19.82
C THR A 91 -9.05 7.49 20.45
N GLY A 92 -9.05 8.66 19.81
CA GLY A 92 -8.22 9.74 20.24
C GLY A 92 -6.86 9.80 19.57
N LYS A 93 -6.50 8.78 18.77
CA LYS A 93 -5.21 8.74 18.12
C LYS A 93 -5.38 8.57 16.61
N TYR A 94 -4.38 9.06 15.85
CA TYR A 94 -4.39 8.85 14.40
C TYR A 94 -3.45 7.72 14.02
N PRO A 95 -3.74 7.01 12.92
CA PRO A 95 -2.77 6.04 12.41
C PRO A 95 -1.51 6.74 11.93
N ALA A 96 -0.40 6.01 11.94
CA ALA A 96 0.89 6.54 11.50
C ALA A 96 0.94 6.75 9.98
N ILE A 97 0.35 5.84 9.21
CA ILE A 97 0.47 5.87 7.76
C ILE A 97 -0.94 5.98 7.17
N ALA A 98 -1.13 6.89 6.21
CA ALA A 98 -2.37 7.00 5.44
C ALA A 98 -2.07 6.51 4.04
N CYS A 99 -2.91 5.59 3.53
CA CYS A 99 -2.70 5.06 2.19
C CYS A 99 -3.75 5.57 1.22
N PHE A 100 -3.33 5.78 -0.03
CA PHE A 100 -4.19 6.26 -1.11
C PHE A 100 -4.18 5.25 -2.26
N ASP A 101 -5.13 5.37 -3.20
CA ASP A 101 -5.22 4.43 -4.31
C ASP A 101 -5.33 5.23 -5.59
N TYR A 102 -4.43 4.95 -6.54
CA TYR A 102 -4.49 5.59 -7.83
C TYR A 102 -5.43 4.88 -8.80
N MET A 103 -6.35 4.05 -8.29
CA MET A 103 -7.26 3.28 -9.15
C MET A 103 -7.94 4.14 -10.23
N ASN A 104 -8.34 5.37 -9.91
CA ASN A 104 -9.24 6.09 -10.81
C ASN A 104 -8.53 6.96 -11.83
N LEU A 105 -7.32 6.54 -12.28
CA LEU A 105 -6.65 7.14 -13.42
C LEU A 105 -7.60 7.37 -14.61
N PRO A 106 -8.47 6.40 -14.99
CA PRO A 106 -9.29 6.64 -16.18
C PRO A 106 -10.21 7.85 -16.06
N ALA A 107 -10.68 8.16 -14.87
CA ALA A 107 -11.59 9.29 -14.70
C ALA A 107 -10.87 10.59 -14.37
N SER A 108 -9.67 10.53 -13.86
CA SER A 108 -8.97 11.73 -13.43
C SER A 108 -8.39 12.44 -14.66
N PRO A 109 -8.56 13.77 -14.77
CA PRO A 109 -9.25 14.61 -13.80
C PRO A 109 -10.76 14.65 -13.98
N ALA A 110 -11.47 14.64 -12.86
CA ALA A 110 -12.92 14.74 -12.85
C ALA A 110 -13.33 15.59 -11.67
N ASP A 111 -14.59 16.05 -11.69
CA ASP A 111 -15.11 16.81 -10.56
C ASP A 111 -14.92 16.04 -9.25
N TRP A 112 -15.04 14.71 -9.30
CA TRP A 112 -15.04 13.92 -8.08
C TRP A 112 -13.72 13.17 -7.83
N ILE A 113 -12.76 13.21 -8.76
CA ILE A 113 -11.44 12.66 -8.50
C ILE A 113 -10.42 13.39 -9.36
N ASP A 114 -9.41 13.98 -8.74
CA ASP A 114 -8.37 14.65 -9.53
C ASP A 114 -7.04 14.45 -8.81
N TYR A 115 -6.22 13.52 -9.29
CA TYR A 115 -4.92 13.25 -8.67
C TYR A 115 -3.91 14.39 -8.83
N ASN A 116 -4.22 15.40 -9.64
CA ASN A 116 -3.42 16.63 -9.61
C ASN A 116 -3.63 17.44 -8.34
N LYS A 117 -4.74 17.22 -7.64
CA LYS A 117 -5.08 17.96 -6.42
C LYS A 117 -4.48 17.18 -5.25
N ILE A 118 -3.23 17.49 -4.93
CA ILE A 118 -2.44 16.69 -4.00
C ILE A 118 -2.56 17.22 -2.59
N SER A 119 -3.43 18.22 -2.36
CA SER A 119 -3.50 18.82 -1.03
C SER A 119 -3.80 17.79 0.04
N VAL A 120 -4.66 16.81 -0.25
CA VAL A 120 -5.00 15.82 0.77
C VAL A 120 -3.76 15.05 1.19
N VAL A 121 -2.88 14.74 0.24
CA VAL A 121 -1.63 14.04 0.57
C VAL A 121 -0.66 14.97 1.26
N GLU A 122 -0.47 16.18 0.70
CA GLU A 122 0.40 17.18 1.31
C GLU A 122 0.01 17.44 2.76
N ASP A 123 -1.29 17.65 3.00
CA ASP A 123 -1.79 17.99 4.32
C ASP A 123 -1.52 16.88 5.32
N TRP A 124 -1.66 15.61 4.89
CA TRP A 124 -1.34 14.50 5.78
C TRP A 124 0.15 14.51 6.14
N TRP A 125 0.99 14.64 5.12
CA TRP A 125 2.43 14.64 5.34
C TRP A 125 2.86 15.80 6.23
N ASN A 126 2.30 16.98 5.99
CA ASN A 126 2.70 18.12 6.79
C ASN A 126 2.16 18.02 8.21
N ALA A 127 1.10 17.25 8.43
CA ALA A 127 0.67 16.94 9.79
C ALA A 127 1.55 15.89 10.45
N GLY A 128 2.59 15.42 9.77
CA GLY A 128 3.52 14.50 10.37
C GLY A 128 3.27 13.05 10.07
N GLY A 129 2.27 12.73 9.23
CA GLY A 129 1.97 11.34 8.92
C GLY A 129 2.79 10.82 7.76
N LEU A 130 2.91 9.49 7.70
CA LEU A 130 3.55 8.86 6.55
C LEU A 130 2.54 8.65 5.43
N VAL A 131 3.04 8.65 4.19
CA VAL A 131 2.20 8.53 3.01
C VAL A 131 2.48 7.20 2.33
N ALA A 132 1.42 6.48 1.99
CA ALA A 132 1.49 5.26 1.21
C ALA A 132 0.51 5.33 0.05
N ALA A 133 0.73 4.52 -0.98
CA ALA A 133 -0.23 4.44 -2.07
CA ALA A 133 -0.23 4.44 -2.07
C ALA A 133 -0.19 3.04 -2.68
N CYS A 134 -1.37 2.55 -3.04
CA CYS A 134 -1.47 1.34 -3.86
C CYS A 134 -2.19 1.72 -5.15
N TRP A 135 -2.50 0.73 -5.98
CA TRP A 135 -2.95 1.04 -7.34
C TRP A 135 -3.73 -0.16 -7.89
N HIS A 136 -5.06 -0.08 -7.81
CA HIS A 136 -5.91 -1.03 -8.52
C HIS A 136 -5.92 -0.59 -9.97
N TRP A 137 -5.11 -1.25 -10.79
CA TRP A 137 -4.89 -0.80 -12.16
C TRP A 137 -6.13 -1.15 -12.97
N ASN A 138 -6.98 -0.15 -13.19
CA ASN A 138 -8.21 -0.32 -13.95
C ASN A 138 -7.95 -0.22 -15.45
N VAL A 139 -8.46 -1.21 -16.19
CA VAL A 139 -8.27 -1.26 -17.64
C VAL A 139 -9.63 -1.55 -18.27
N PRO A 140 -9.78 -1.26 -19.57
CA PRO A 140 -11.10 -1.45 -20.19
C PRO A 140 -11.63 -2.86 -20.01
N VAL A 141 -12.92 -2.94 -19.66
CA VAL A 141 -13.62 -4.21 -19.48
C VAL A 141 -13.49 -5.08 -20.73
N THR A 142 -13.64 -4.46 -21.90
CA THR A 142 -13.33 -5.08 -23.18
C THR A 142 -12.88 -3.97 -24.13
N GLU A 143 -12.46 -4.37 -25.33
CA GLU A 143 -11.96 -3.39 -26.29
C GLU A 143 -13.00 -2.29 -26.54
N ASN A 144 -12.55 -1.04 -26.49
CA ASN A 144 -13.34 0.16 -26.71
C ASN A 144 -14.43 0.40 -25.65
N SER A 145 -14.40 -0.32 -24.53
CA SER A 145 -15.37 -0.08 -23.47
C SER A 145 -15.06 1.23 -22.73
N SER A 146 -16.09 1.77 -22.10
CA SER A 146 -15.95 2.92 -21.20
C SER A 146 -16.05 2.52 -19.73
N GLU A 147 -16.12 1.22 -19.44
CA GLU A 147 -16.05 0.70 -18.08
C GLU A 147 -14.64 0.19 -17.86
N TYR A 148 -14.13 0.40 -16.64
CA TYR A 148 -12.76 0.05 -16.30
C TYR A 148 -12.77 -0.80 -15.04
N LYS A 149 -12.08 -1.95 -15.07
CA LYS A 149 -12.06 -2.87 -13.95
C LYS A 149 -10.67 -3.47 -13.83
N CYS A 150 -10.42 -4.19 -12.73
CA CYS A 150 -9.11 -4.80 -12.59
C CYS A 150 -9.12 -6.30 -12.38
N MET A 151 -10.25 -6.89 -11.98
CA MET A 151 -10.32 -8.34 -11.77
C MET A 151 -10.44 -9.09 -13.08
N ILE A 152 -9.80 -10.25 -13.15
CA ILE A 152 -9.86 -11.10 -14.34
C ILE A 152 -11.31 -11.45 -14.67
N SER A 153 -12.13 -11.67 -13.65
CA SER A 153 -13.54 -11.98 -13.85
C SER A 153 -14.32 -10.78 -14.38
N GLU A 154 -13.73 -9.60 -14.46
CA GLU A 154 -14.45 -8.42 -14.90
C GLU A 154 -13.80 -7.69 -16.07
N THR A 155 -12.59 -8.08 -16.49
CA THR A 155 -11.99 -7.51 -17.71
C THR A 155 -11.27 -8.60 -18.48
N ASP A 156 -11.29 -8.46 -19.81
CA ASP A 156 -10.56 -9.38 -20.67
C ASP A 156 -9.20 -8.85 -21.08
N PHE A 157 -8.75 -7.76 -20.46
CA PHE A 157 -7.45 -7.17 -20.79
C PHE A 157 -6.34 -8.20 -20.59
N ASP A 158 -5.48 -8.34 -21.59
CA ASP A 158 -4.50 -9.42 -21.67
C ASP A 158 -3.09 -8.86 -21.47
N ILE A 159 -2.46 -9.22 -20.34
CA ILE A 159 -1.15 -8.66 -20.01
C ILE A 159 -0.10 -9.04 -21.05
N THR A 160 -0.20 -10.27 -21.59
CA THR A 160 0.79 -10.69 -22.58
C THR A 160 0.81 -9.74 -23.78
N LYS A 161 -0.37 -9.30 -24.22
CA LYS A 161 -0.43 -8.34 -25.32
C LYS A 161 -0.01 -6.95 -24.87
N ALA A 162 -0.38 -6.57 -23.64
CA ALA A 162 0.02 -5.27 -23.12
C ALA A 162 1.54 -5.10 -23.06
N LEU A 163 2.29 -6.20 -23.00
CA LEU A 163 3.74 -6.12 -22.97
C LEU A 163 4.37 -6.10 -24.36
N GLN A 164 3.61 -6.39 -25.41
CA GLN A 164 4.14 -6.38 -26.78
C GLN A 164 4.13 -4.96 -27.33
N GLU A 165 5.31 -4.43 -27.65
CA GLU A 165 5.41 -3.06 -28.11
C GLU A 165 4.47 -2.79 -29.27
N GLY A 166 3.72 -1.71 -29.16
CA GLY A 166 2.88 -1.23 -30.25
C GLY A 166 1.45 -1.72 -30.27
N THR A 167 1.08 -2.70 -29.45
CA THR A 167 -0.31 -3.16 -29.48
C THR A 167 -1.23 -2.13 -28.84
N ARG A 168 -2.54 -2.33 -29.06
CA ARG A 168 -3.53 -1.50 -28.40
C ARG A 168 -3.38 -1.56 -26.87
N GLU A 169 -3.19 -2.76 -26.33
CA GLU A 169 -3.00 -2.91 -24.90
C GLU A 169 -1.72 -2.23 -24.44
N ASN A 170 -0.64 -2.34 -25.23
CA ASN A 170 0.61 -1.68 -24.88
C ASN A 170 0.44 -0.17 -24.81
N GLU A 171 -0.26 0.41 -25.79
CA GLU A 171 -0.44 1.86 -25.80
C GLU A 171 -1.25 2.29 -24.58
N ILE A 172 -2.21 1.46 -24.17
CA ILE A 172 -3.03 1.76 -23.00
C ILE A 172 -2.17 1.81 -21.75
N ILE A 173 -1.34 0.79 -21.52
CA ILE A 173 -0.60 0.78 -20.26
C ILE A 173 0.52 1.81 -20.27
N LYS A 174 1.12 2.09 -21.43
CA LYS A 174 2.11 3.16 -21.48
C LYS A 174 1.49 4.50 -21.12
N ALA A 175 0.30 4.78 -21.66
CA ALA A 175 -0.34 6.06 -21.37
C ALA A 175 -0.73 6.15 -19.89
N ASP A 176 -1.22 5.04 -19.31
CA ASP A 176 -1.51 5.02 -17.87
C ASP A 176 -0.26 5.32 -17.06
N LEU A 177 0.87 4.71 -17.41
CA LEU A 177 2.10 4.93 -16.66
C LEU A 177 2.59 6.35 -16.82
N GLU A 178 2.43 6.93 -18.01
CA GLU A 178 2.82 8.32 -18.19
C GLU A 178 1.98 9.23 -17.30
N GLU A 179 0.66 9.00 -17.28
CA GLU A 179 -0.23 9.83 -16.48
C GLU A 179 0.07 9.66 -15.00
N LEU A 180 0.24 8.41 -14.57
CA LEU A 180 0.51 8.12 -13.17
C LEU A 180 1.87 8.66 -12.73
N ALA A 181 2.91 8.49 -13.56
CA ALA A 181 4.20 9.07 -13.19
C ALA A 181 4.09 10.58 -13.00
N GLY A 182 3.24 11.23 -13.79
CA GLY A 182 3.07 12.67 -13.63
C GLY A 182 2.44 13.03 -12.31
N TYR A 183 1.44 12.25 -11.88
CA TYR A 183 0.82 12.48 -10.58
C TYR A 183 1.80 12.25 -9.44
N LEU A 184 2.62 11.20 -9.53
CA LEU A 184 3.60 10.93 -8.48
C LEU A 184 4.70 12.00 -8.45
N LEU A 185 5.03 12.56 -9.61
CA LEU A 185 6.06 13.59 -9.68
C LEU A 185 5.62 14.86 -8.95
N LEU A 186 4.31 15.12 -8.90
CA LEU A 186 3.81 16.24 -8.10
C LEU A 186 4.20 16.07 -6.63
N LEU A 187 4.13 14.83 -6.13
CA LEU A 187 4.53 14.57 -4.75
C LEU A 187 6.05 14.65 -4.59
N LYS A 188 6.79 14.11 -5.57
CA LYS A 188 8.25 14.21 -5.53
C LYS A 188 8.70 15.66 -5.47
N GLN A 189 8.06 16.54 -6.25
CA GLN A 189 8.43 17.95 -6.26
C GLN A 189 8.11 18.66 -4.96
N LYS A 190 7.19 18.13 -4.15
CA LYS A 190 6.96 18.65 -2.81
C LYS A 190 7.79 17.94 -1.74
N ASN A 191 8.73 17.09 -2.15
CA ASN A 191 9.60 16.37 -1.22
C ASN A 191 8.80 15.46 -0.29
N ILE A 192 7.81 14.78 -0.85
CA ILE A 192 6.96 13.83 -0.14
C ILE A 192 7.30 12.44 -0.67
N PRO A 193 7.83 11.54 0.16
CA PRO A 193 8.06 10.17 -0.30
C PRO A 193 6.78 9.38 -0.16
N VAL A 194 6.69 8.28 -0.91
N VAL A 194 6.74 8.25 -0.87
CA VAL A 194 5.51 7.43 -0.84
CA VAL A 194 5.54 7.39 -0.93
C VAL A 194 5.95 5.98 -0.70
C VAL A 194 5.98 5.95 -0.71
N ILE A 195 5.35 5.29 0.27
CA ILE A 195 5.52 3.85 0.46
C ILE A 195 4.60 3.20 -0.57
N TRP A 196 5.18 2.76 -1.69
CA TRP A 196 4.49 2.52 -2.94
C TRP A 196 4.27 1.03 -3.17
N ARG A 197 3.01 0.61 -3.30
CA ARG A 197 2.65 -0.82 -3.34
C ARG A 197 1.74 -1.14 -4.52
N PRO A 198 2.28 -1.12 -5.74
CA PRO A 198 1.49 -1.42 -6.93
C PRO A 198 1.38 -2.93 -7.16
N LEU A 199 0.55 -3.28 -8.13
CA LEU A 199 0.56 -4.63 -8.71
C LEU A 199 0.52 -5.72 -7.62
N HIS A 200 -0.44 -5.60 -6.72
CA HIS A 200 -0.41 -6.43 -5.52
C HIS A 200 -1.15 -7.76 -5.73
N GLU A 201 -0.88 -8.71 -4.81
CA GLU A 201 -1.57 -10.01 -4.75
C GLU A 201 -1.50 -10.79 -6.06
N ALA A 202 -0.38 -10.63 -6.78
CA ALA A 202 -0.28 -11.17 -8.14
C ALA A 202 -0.59 -12.66 -8.18
N ALA A 203 0.02 -13.44 -7.28
CA ALA A 203 -0.06 -14.90 -7.32
C ALA A 203 -1.43 -15.44 -6.93
N GLY A 204 -2.33 -14.60 -6.40
CA GLY A 204 -3.69 -15.03 -6.21
C GLY A 204 -4.45 -15.26 -7.51
N LYS A 205 -3.94 -14.70 -8.61
CA LYS A 205 -4.45 -14.90 -9.96
C LYS A 205 -5.86 -14.36 -10.13
N TRP A 206 -6.22 -13.33 -9.36
CA TRP A 206 -7.55 -12.74 -9.51
C TRP A 206 -7.54 -11.37 -10.19
N PHE A 207 -6.40 -10.70 -10.27
CA PHE A 207 -6.26 -9.44 -10.99
C PHE A 207 -5.70 -9.72 -12.37
N TRP A 208 -5.93 -8.79 -13.32
CA TRP A 208 -5.49 -9.06 -14.69
C TRP A 208 -3.98 -9.18 -14.80
N TRP A 209 -3.22 -8.67 -13.84
CA TRP A 209 -1.77 -8.83 -13.88
C TRP A 209 -1.32 -10.14 -13.29
N GLY A 210 -2.26 -11.01 -12.87
CA GLY A 210 -1.93 -12.29 -12.27
C GLY A 210 -2.17 -13.46 -13.21
N LYS A 211 -1.90 -13.27 -14.50
CA LYS A 211 -2.04 -14.36 -15.44
C LYS A 211 -0.92 -15.40 -15.26
N ASP A 212 0.32 -14.94 -15.15
CA ASP A 212 1.44 -15.86 -15.00
C ASP A 212 2.63 -15.11 -14.45
N ALA A 213 3.53 -15.84 -13.79
CA ALA A 213 4.62 -15.17 -13.09
C ALA A 213 5.56 -14.44 -14.04
N ALA A 214 5.81 -15.02 -15.22
CA ALA A 214 6.83 -14.44 -16.10
C ALA A 214 6.36 -13.09 -16.66
N SER A 215 5.12 -13.01 -17.14
CA SER A 215 4.62 -11.73 -17.62
C SER A 215 4.45 -10.74 -16.47
N TYR A 216 4.02 -11.23 -15.30
CA TYR A 216 3.87 -10.31 -14.17
C TYR A 216 5.21 -9.64 -13.84
N LYS A 217 6.29 -10.42 -13.80
CA LYS A 217 7.58 -9.84 -13.44
C LYS A 217 8.02 -8.82 -14.47
N ARG A 218 7.72 -9.08 -15.75
CA ARG A 218 8.06 -8.14 -16.82
C ARG A 218 7.31 -6.82 -16.66
N LEU A 219 6.03 -6.89 -16.26
CA LEU A 219 5.25 -5.68 -16.03
C LEU A 219 5.80 -4.89 -14.84
N TRP A 220 6.12 -5.57 -13.73
CA TRP A 220 6.71 -4.87 -12.59
C TRP A 220 7.97 -4.11 -13.01
N LYS A 221 8.84 -4.77 -13.77
CA LYS A 221 10.06 -4.10 -14.21
C LYS A 221 9.76 -2.94 -15.15
N LEU A 222 8.72 -3.07 -15.99
CA LEU A 222 8.36 -1.95 -16.86
C LEU A 222 7.89 -0.75 -16.04
N VAL A 223 7.08 -1.00 -15.01
CA VAL A 223 6.66 0.11 -14.15
C VAL A 223 7.86 0.75 -13.48
N TYR A 224 8.74 -0.08 -12.91
CA TYR A 224 9.92 0.44 -12.24
C TYR A 224 10.78 1.27 -13.20
N GLU A 225 11.07 0.73 -14.38
CA GLU A 225 11.97 1.40 -15.31
C GLU A 225 11.34 2.67 -15.87
N THR A 226 10.03 2.63 -16.14
CA THR A 226 9.34 3.84 -16.56
C THR A 226 9.43 4.92 -15.50
N PHE A 227 9.21 4.55 -14.23
CA PHE A 227 9.29 5.56 -13.18
C PHE A 227 10.73 6.05 -13.00
N LYS A 228 11.70 5.16 -13.17
CA LYS A 228 13.10 5.56 -13.07
C LYS A 228 13.42 6.60 -14.14
N GLN A 229 12.93 6.36 -15.35
CA GLN A 229 13.11 7.30 -16.46
C GLN A 229 12.47 8.64 -16.16
N LYS A 230 11.35 8.64 -15.46
CA LYS A 230 10.70 9.89 -15.12
C LYS A 230 11.37 10.62 -13.96
N GLY A 231 12.38 10.01 -13.32
CA GLY A 231 13.03 10.64 -12.18
C GLY A 231 12.35 10.51 -10.84
N LEU A 232 11.50 9.49 -10.66
CA LEU A 232 10.81 9.30 -9.38
C LEU A 232 11.74 8.59 -8.40
N ASN A 233 12.45 9.38 -7.59
CA ASN A 233 13.38 8.85 -6.60
C ASN A 233 12.84 8.92 -5.19
N ASN A 234 11.53 9.16 -5.03
CA ASN A 234 10.91 9.35 -3.72
C ASN A 234 10.05 8.16 -3.30
N LEU A 235 10.26 6.99 -3.91
CA LEU A 235 9.40 5.83 -3.70
C LEU A 235 10.15 4.72 -2.96
N ILE A 236 9.43 4.10 -2.02
CA ILE A 236 9.83 2.86 -1.35
C ILE A 236 8.94 1.77 -1.90
N TRP A 237 9.53 0.73 -2.51
CA TRP A 237 8.77 -0.24 -3.30
C TRP A 237 8.37 -1.45 -2.43
N VAL A 238 7.07 -1.70 -2.35
CA VAL A 238 6.51 -2.79 -1.55
C VAL A 238 5.94 -3.84 -2.51
N TRP A 239 6.49 -5.06 -2.47
CA TRP A 239 5.97 -6.19 -3.26
C TRP A 239 5.08 -7.06 -2.37
N THR A 240 3.82 -7.25 -2.79
CA THR A 240 2.84 -8.00 -1.99
C THR A 240 2.91 -9.48 -2.34
N SER A 241 3.30 -10.30 -1.37
CA SER A 241 3.47 -11.73 -1.56
C SER A 241 2.23 -12.46 -1.05
N GLU A 242 1.86 -13.53 -1.76
CA GLU A 242 0.81 -14.43 -1.27
C GLU A 242 1.35 -15.59 -0.44
N THR A 243 2.65 -15.55 -0.09
CA THR A 243 3.47 -16.63 0.48
C THR A 243 3.73 -17.73 -0.55
N ASN A 244 4.90 -18.35 -0.46
CA ASN A 244 5.30 -19.45 -1.34
C ASN A 244 5.11 -19.09 -2.81
N ASP A 245 5.53 -17.88 -3.19
CA ASP A 245 5.33 -17.40 -4.56
C ASP A 245 6.60 -16.75 -5.09
N ARG A 246 7.73 -17.35 -4.77
CA ARG A 246 9.04 -16.83 -5.16
C ARG A 246 9.17 -16.68 -6.66
N ASP A 247 8.50 -17.54 -7.43
CA ASP A 247 8.54 -17.40 -8.89
C ASP A 247 7.92 -16.09 -9.35
N TRP A 248 7.11 -15.45 -8.51
CA TRP A 248 6.47 -14.18 -8.83
C TRP A 248 7.27 -12.97 -8.35
N TYR A 249 8.35 -13.18 -7.60
CA TYR A 249 9.10 -12.07 -7.03
C TYR A 249 9.87 -11.32 -8.10
N PRO A 250 9.68 -10.00 -8.24
CA PRO A 250 10.29 -9.29 -9.38
C PRO A 250 11.80 -9.18 -9.30
N GLY A 251 12.39 -9.30 -8.11
CA GLY A 251 13.84 -9.19 -7.98
C GLY A 251 14.29 -8.14 -7.00
N ASP A 252 15.44 -8.38 -6.37
CA ASP A 252 15.98 -7.44 -5.38
C ASP A 252 16.17 -6.03 -5.94
N ALA A 253 16.48 -5.92 -7.23
CA ALA A 253 16.70 -4.60 -7.82
C ALA A 253 15.44 -3.74 -7.88
N TYR A 254 14.26 -4.32 -7.63
CA TYR A 254 13.01 -3.60 -7.85
C TYR A 254 12.10 -3.61 -6.62
N VAL A 255 12.59 -4.06 -5.47
CA VAL A 255 11.75 -4.25 -4.30
C VAL A 255 12.50 -3.84 -3.04
N ASP A 256 11.79 -3.16 -2.14
CA ASP A 256 12.32 -2.76 -0.84
C ASP A 256 11.71 -3.50 0.32
N ILE A 257 10.39 -3.69 0.30
CA ILE A 257 9.66 -4.22 1.45
C ILE A 257 8.68 -5.26 0.94
N ILE A 258 8.41 -6.29 1.77
CA ILE A 258 7.43 -7.31 1.42
C ILE A 258 6.14 -7.05 2.18
N GLY A 259 5.01 -7.10 1.46
CA GLY A 259 3.69 -7.00 2.03
C GLY A 259 2.92 -8.31 1.98
N ARG A 260 1.94 -8.45 2.86
CA ARG A 260 1.03 -9.60 2.92
C ARG A 260 -0.35 -9.02 3.20
N ASP A 261 -1.38 -9.50 2.48
CA ASP A 261 -2.75 -9.00 2.57
C ASP A 261 -3.59 -10.16 3.11
N VAL A 262 -4.23 -9.97 4.26
CA VAL A 262 -4.93 -11.08 4.92
C VAL A 262 -6.30 -10.60 5.38
N TYR A 263 -7.36 -11.29 4.95
CA TYR A 263 -8.69 -11.03 5.47
C TYR A 263 -9.27 -12.31 6.07
N HIS A 264 -10.01 -12.16 7.18
CA HIS A 264 -10.70 -13.27 7.83
C HIS A 264 -9.70 -14.31 8.31
N LYS A 265 -8.81 -13.88 9.20
CA LYS A 265 -7.89 -14.82 9.82
C LYS A 265 -7.81 -14.44 11.29
N THR A 266 -8.53 -15.17 12.12
CA THR A 266 -8.63 -14.82 13.53
C THR A 266 -7.73 -15.66 14.42
N SER A 267 -6.89 -16.52 13.84
CA SER A 267 -5.88 -17.24 14.60
C SER A 267 -4.59 -16.43 14.56
N ALA A 268 -4.22 -15.86 15.70
CA ALA A 268 -2.95 -15.12 15.78
C ALA A 268 -1.77 -16.04 15.48
N ALA A 269 -1.86 -17.31 15.87
CA ALA A 269 -0.81 -18.26 15.53
C ALA A 269 -0.67 -18.40 14.03
N GLY A 270 -1.80 -18.45 13.32
CA GLY A 270 -1.75 -18.55 11.86
C GLY A 270 -1.14 -17.31 11.23
N LEU A 271 -1.43 -16.14 11.78
CA LEU A 271 -0.82 -14.91 11.29
C LEU A 271 0.68 -14.93 11.50
N ALA A 272 1.13 -15.40 12.67
CA ALA A 272 2.57 -15.50 12.93
C ALA A 272 3.23 -16.51 12.00
N THR A 273 2.53 -17.60 11.67
CA THR A 273 3.10 -18.57 10.75
C THR A 273 3.34 -17.93 9.37
N ASP A 274 2.39 -17.13 8.89
CA ASP A 274 2.60 -16.39 7.64
C ASP A 274 3.78 -15.43 7.77
N PHE A 275 3.82 -14.69 8.87
CA PHE A 275 4.90 -13.73 9.07
C PHE A 275 6.24 -14.43 9.04
N ASP A 276 6.35 -15.58 9.73
CA ASP A 276 7.60 -16.33 9.76
C ASP A 276 7.99 -16.84 8.39
N ALA A 277 7.02 -17.33 7.60
CA ALA A 277 7.34 -17.83 6.27
C ALA A 277 7.87 -16.71 5.38
N LEU A 278 7.28 -15.52 5.48
CA LEU A 278 7.76 -14.39 4.69
C LEU A 278 9.15 -13.96 5.14
N LYS A 279 9.40 -13.92 6.45
CA LYS A 279 10.74 -13.59 6.95
C LYS A 279 11.78 -14.55 6.40
N LYS A 280 11.42 -15.82 6.29
CA LYS A 280 12.35 -16.83 5.80
C LYS A 280 12.58 -16.69 4.30
N ALA A 281 11.51 -16.36 3.56
CA ALA A 281 11.66 -16.17 2.12
C ALA A 281 12.52 -14.95 1.82
N PHE A 282 12.41 -13.89 2.63
CA PHE A 282 13.05 -12.61 2.34
C PHE A 282 13.73 -12.13 3.62
N PRO A 283 14.86 -12.73 3.99
CA PRO A 283 15.48 -12.38 5.29
C PRO A 283 16.12 -10.99 5.31
N ASP A 284 16.28 -10.33 4.16
CA ASP A 284 16.87 -9.00 4.12
C ASP A 284 15.84 -7.88 4.16
N LYS A 285 14.55 -8.18 4.28
CA LYS A 285 13.53 -7.16 4.04
C LYS A 285 12.52 -7.10 5.16
N LEU A 286 12.05 -5.90 5.45
CA LEU A 286 10.90 -5.73 6.33
C LEU A 286 9.68 -6.44 5.76
N ILE A 287 8.83 -6.96 6.65
CA ILE A 287 7.59 -7.63 6.25
C ILE A 287 6.42 -6.90 6.92
N ALA A 288 5.44 -6.51 6.10
CA ALA A 288 4.29 -5.76 6.59
C ALA A 288 2.98 -6.49 6.29
N LEU A 289 1.98 -6.23 7.15
CA LEU A 289 0.61 -6.66 6.90
C LEU A 289 -0.06 -5.53 6.13
N SER A 290 0.15 -5.52 4.81
CA SER A 290 -0.19 -4.34 4.03
C SER A 290 -1.69 -4.16 3.83
N GLU A 291 -2.49 -5.19 4.06
CA GLU A 291 -3.95 -5.04 4.11
C GLU A 291 -4.47 -6.04 5.12
N CYS A 292 -5.45 -5.64 5.91
CA CYS A 292 -6.11 -6.63 6.75
C CYS A 292 -7.54 -6.21 7.03
N GLY A 293 -8.33 -7.19 7.43
CA GLY A 293 -9.70 -6.99 7.87
C GLY A 293 -10.17 -8.28 8.50
N ASP A 294 -10.91 -8.17 9.61
CA ASP A 294 -11.36 -9.33 10.40
C ASP A 294 -10.18 -10.25 10.72
N VAL A 295 -9.19 -9.67 11.41
CA VAL A 295 -8.02 -10.42 11.85
C VAL A 295 -7.94 -10.33 13.37
N ALA A 296 -7.12 -11.22 13.94
CA ALA A 296 -6.91 -11.21 15.38
C ALA A 296 -6.41 -9.85 15.86
N THR A 297 -6.78 -9.49 17.09
CA THR A 297 -6.31 -8.24 17.66
C THR A 297 -4.79 -8.21 17.70
N ILE A 298 -4.23 -6.99 17.68
CA ILE A 298 -2.78 -6.83 17.56
C ILE A 298 -2.07 -7.39 18.77
N ASP A 299 -2.67 -7.31 19.96
CA ASP A 299 -2.00 -7.86 21.14
C ASP A 299 -1.78 -9.35 20.99
N LYS A 300 -2.77 -10.07 20.43
CA LYS A 300 -2.60 -11.50 20.20
C LYS A 300 -1.60 -11.77 19.10
N GLN A 301 -1.64 -10.97 18.02
CA GLN A 301 -0.68 -11.14 16.93
C GLN A 301 0.75 -10.95 17.44
N LEU A 302 0.97 -9.89 18.22
CA LEU A 302 2.32 -9.63 18.72
C LEU A 302 2.77 -10.72 19.68
N ALA A 303 1.88 -11.16 20.57
CA ALA A 303 2.24 -12.24 21.50
C ALA A 303 2.59 -13.54 20.76
N ALA A 304 2.02 -13.76 19.57
CA ALA A 304 2.32 -14.97 18.80
C ALA A 304 3.56 -14.83 17.91
N GLY A 305 4.14 -13.64 17.84
CA GLY A 305 5.35 -13.41 17.08
C GLY A 305 5.17 -12.74 15.74
N ALA A 306 3.94 -12.32 15.40
CA ALA A 306 3.72 -11.63 14.13
C ALA A 306 4.11 -10.17 14.36
N GLN A 307 5.37 -9.86 14.09
N GLN A 307 5.38 -9.87 14.10
CA GLN A 307 5.93 -8.54 14.40
CA GLN A 307 5.95 -8.56 14.38
C GLN A 307 6.03 -7.69 13.13
C GLN A 307 6.05 -7.76 13.08
N TRP A 308 4.87 -7.48 12.50
CA TRP A 308 4.81 -6.78 11.22
C TRP A 308 5.44 -5.39 11.31
N ALA A 309 5.99 -4.92 10.18
CA ALA A 309 6.48 -3.56 10.12
C ALA A 309 5.34 -2.55 10.26
N TRP A 310 4.20 -2.83 9.63
CA TRP A 310 2.98 -2.07 9.87
C TRP A 310 1.79 -2.97 9.55
N PHE A 311 0.62 -2.54 9.98
CA PHE A 311 -0.65 -3.12 9.55
C PHE A 311 -1.49 -1.97 8.99
N MET A 312 -2.25 -2.26 7.94
CA MET A 312 -3.18 -1.29 7.38
C MET A 312 -4.56 -1.93 7.29
N THR A 313 -5.55 -1.32 7.96
CA THR A 313 -6.91 -1.84 7.88
C THR A 313 -7.56 -1.38 6.58
N TRP A 314 -8.35 -2.25 5.96
CA TRP A 314 -9.07 -1.82 4.77
C TRP A 314 -10.23 -0.90 5.16
N TYR A 315 -10.85 -0.29 4.15
CA TYR A 315 -11.88 0.71 4.42
C TYR A 315 -13.26 0.06 4.44
N ASP A 316 -14.15 0.65 5.23
CA ASP A 316 -15.56 0.26 5.25
C ASP A 316 -16.30 1.33 4.47
N TYR A 317 -16.73 0.98 3.24
CA TYR A 317 -17.21 2.00 2.32
C TYR A 317 -18.36 2.81 2.92
N GLU A 318 -19.41 2.11 3.38
CA GLU A 318 -20.57 2.84 3.87
C GLU A 318 -20.27 3.63 5.13
N VAL A 319 -19.39 3.15 6.00
CA VAL A 319 -19.19 3.81 7.29
C VAL A 319 -18.42 5.12 7.13
N THR A 320 -17.39 5.15 6.28
CA THR A 320 -16.50 6.32 6.20
C THR A 320 -16.58 7.10 4.89
N LYS A 321 -17.54 6.81 4.00
CA LYS A 321 -17.56 7.59 2.77
C LYS A 321 -17.98 9.04 3.01
N ASP A 322 -18.68 9.32 4.10
CA ASP A 322 -19.21 10.66 4.39
C ASP A 322 -18.94 10.95 5.86
N THR A 323 -17.98 11.84 6.14
CA THR A 323 -17.62 12.08 7.54
C THR A 323 -18.67 12.87 8.31
N THR A 324 -19.72 13.34 7.64
CA THR A 324 -20.81 14.07 8.28
C THR A 324 -22.03 13.20 8.55
N ALA A 325 -22.01 11.94 8.13
CA ALA A 325 -23.18 11.10 8.28
C ALA A 325 -23.20 10.47 9.67
N PRO A 326 -24.40 10.21 10.20
CA PRO A 326 -24.49 9.61 11.54
C PRO A 326 -23.75 8.28 11.66
N VAL A 327 -23.72 7.46 10.61
CA VAL A 327 -23.05 6.17 10.68
C VAL A 327 -21.56 6.33 10.97
N PHE A 328 -20.99 7.48 10.65
CA PHE A 328 -19.57 7.75 10.93
C PHE A 328 -19.24 7.61 12.41
N ASN A 329 -20.21 7.82 13.30
CA ASN A 329 -19.91 7.86 14.73
C ASN A 329 -20.11 6.53 15.46
N SER A 330 -20.66 5.50 14.81
CA SER A 330 -21.21 4.36 15.55
C SER A 330 -20.13 3.50 16.20
N GLY A 331 -18.99 3.31 15.52
CA GLY A 331 -17.97 2.42 15.99
C GLY A 331 -17.96 1.05 15.33
N GLN A 332 -19.03 0.69 14.63
N GLN A 332 -19.04 0.66 14.66
CA GLN A 332 -19.06 -0.55 13.86
CA GLN A 332 -18.97 -0.60 13.94
C GLN A 332 -18.25 -0.38 12.59
C GLN A 332 -18.23 -0.40 12.62
N HIS A 333 -17.63 -1.47 12.14
CA HIS A 333 -16.73 -1.42 11.00
C HIS A 333 -16.56 -2.85 10.50
N GLU A 334 -16.61 -3.00 9.18
CA GLU A 334 -16.53 -4.31 8.55
C GLU A 334 -15.17 -4.97 8.78
N HIS A 335 -14.11 -4.18 8.94
CA HIS A 335 -12.74 -4.72 8.97
C HIS A 335 -12.10 -4.65 10.34
N ALA A 336 -12.23 -3.54 11.06
CA ALA A 336 -11.63 -3.40 12.39
C ALA A 336 -12.44 -2.34 13.10
N ASP A 337 -13.18 -2.73 14.15
CA ASP A 337 -14.11 -1.78 14.75
C ASP A 337 -13.41 -0.99 15.86
N LYS A 338 -14.20 -0.16 16.56
CA LYS A 338 -13.68 0.67 17.63
C LYS A 338 -12.90 -0.15 18.65
N ALA A 339 -13.47 -1.29 19.09
CA ALA A 339 -12.78 -2.07 20.11
C ALA A 339 -11.47 -2.63 19.59
N TRP A 340 -11.43 -3.03 18.31
CA TRP A 340 -10.18 -3.54 17.74
C TRP A 340 -9.11 -2.47 17.75
N TRP A 341 -9.48 -1.24 17.37
CA TRP A 341 -8.50 -0.16 17.26
C TRP A 341 -8.05 0.33 18.63
N ASN A 342 -8.96 0.37 19.60
CA ASN A 342 -8.54 0.75 20.95
C ASN A 342 -7.66 -0.31 21.58
N ASN A 343 -7.90 -1.58 21.27
CA ASN A 343 -6.95 -2.62 21.62
C ASN A 343 -5.59 -2.35 20.98
N ALA A 344 -5.55 -2.08 19.68
CA ALA A 344 -4.27 -1.88 19.02
C ALA A 344 -3.50 -0.75 19.67
N PHE A 345 -4.16 0.38 19.90
CA PHE A 345 -3.45 1.53 20.45
C PHE A 345 -3.12 1.35 21.93
N GLY A 346 -3.71 0.35 22.58
CA GLY A 346 -3.35 0.02 23.94
C GLY A 346 -2.05 -0.73 24.09
N GLN A 347 -1.47 -1.19 22.97
CA GLN A 347 -0.27 -2.02 22.98
C GLN A 347 0.99 -1.15 22.89
N PRO A 348 1.98 -1.43 23.74
CA PRO A 348 3.21 -0.62 23.74
C PRO A 348 3.93 -0.60 22.39
N GLY A 349 3.91 -1.71 21.65
CA GLY A 349 4.65 -1.73 20.40
C GLY A 349 4.03 -0.94 19.26
N VAL A 350 2.80 -0.47 19.38
CA VAL A 350 2.10 0.10 18.22
C VAL A 350 2.31 1.61 18.15
N ILE A 351 2.69 2.09 16.97
CA ILE A 351 3.03 3.49 16.74
C ILE A 351 1.83 4.19 16.13
N CYS A 352 1.42 5.31 16.72
CA CYS A 352 0.45 6.23 16.12
C CYS A 352 1.15 7.45 15.53
N ARG A 353 0.37 8.34 14.91
CA ARG A 353 0.98 9.46 14.19
C ARG A 353 1.81 10.35 15.13
N SER A 354 1.29 10.62 16.34
CA SER A 354 1.98 11.51 17.26
C SER A 354 3.25 10.89 17.85
N ASP A 355 3.45 9.58 17.72
CA ASP A 355 4.70 8.95 18.09
C ASP A 355 5.80 9.15 17.05
N LEU A 356 5.48 9.62 15.83
CA LEU A 356 6.49 9.58 14.79
C LEU A 356 7.51 10.69 14.98
N PRO A 357 8.76 10.45 14.64
CA PRO A 357 9.72 11.55 14.54
C PRO A 357 9.45 12.39 13.30
N SER A 358 10.15 13.50 13.18
CA SER A 358 10.02 14.34 11.99
C SER A 358 10.77 13.72 10.81
N PHE A 359 10.16 13.77 9.63
CA PHE A 359 10.79 13.25 8.42
C PHE A 359 11.15 14.36 7.43
N LYS A 360 11.02 15.62 7.82
CA LYS A 360 11.21 16.73 6.89
C LYS A 360 12.59 17.38 6.99
N LEU A 361 12.66 18.66 6.62
CA LEU A 361 13.90 19.46 6.51
C LEU A 361 14.82 18.94 5.40
#